data_1ZGD
#
_entry.id   1ZGD
#
_cell.length_a   74.458
_cell.length_b   85.819
_cell.length_c   103.814
_cell.angle_alpha   90.00
_cell.angle_beta   90.00
_cell.angle_gamma   90.00
#
_symmetry.space_group_name_H-M   'P 21 21 21'
#
loop_
_entity.id
_entity.type
_entity.pdbx_description
1 polymer 'chalcone reductase'
2 non-polymer 'NADP NICOTINAMIDE-ADENINE-DINUCLEOTIDE PHOSPHATE'
3 water water
#
_entity_poly.entity_id   1
_entity_poly.type   'polypeptide(L)'
_entity_poly.pdbx_seq_one_letter_code
;MGSVEIPTKVLTNTSSQLKMPVVGMGSAPDFTCKKDTKDAIIEAIKQGYRHFDTAAAYGSEQALGEALKEAIELGLVTRD
DLFVTSKLWVTENHPHLVIPALQKSLKTLQLDYLDLYLIHWPLSSQPGKFSFPIDVADLLPFDVKGVWESMEESLKLGLT
KAIGVSNFSVKKLENLLSVATVLPAVNQVEMNLAWQQKKLREFCNAHGIVLTAFSPVRKGASRGPNEVMENDMLKEIADA
HGKSVAQISLRWLYEQGVTFVPKSYDKERMNQNLRIFDWSLTKEDHEKIAQIKQNRLIPGPTKPGLNDLYDD
;
_entity_poly.pdbx_strand_id   A,B
#
# COMPACT_ATOMS: atom_id res chain seq x y z
N GLU A 5 -6.95 -8.93 1.07
CA GLU A 5 -6.93 -9.10 -0.40
C GLU A 5 -7.24 -10.53 -0.80
N ILE A 6 -7.89 -10.70 -1.95
CA ILE A 6 -8.20 -12.04 -2.44
C ILE A 6 -6.94 -12.61 -3.07
N PRO A 7 -6.51 -13.80 -2.61
CA PRO A 7 -5.31 -14.43 -3.15
C PRO A 7 -5.43 -14.76 -4.63
N THR A 8 -4.29 -14.91 -5.29
CA THR A 8 -4.27 -15.26 -6.70
C THR A 8 -3.43 -16.53 -6.83
N LYS A 9 -3.55 -17.21 -7.95
CA LYS A 9 -2.76 -18.41 -8.18
C LYS A 9 -2.14 -18.28 -9.55
N VAL A 10 -0.84 -18.52 -9.63
CA VAL A 10 -0.14 -18.42 -10.90
C VAL A 10 -0.49 -19.59 -11.81
N LEU A 11 -0.82 -19.26 -13.07
CA LEU A 11 -1.13 -20.29 -14.04
C LEU A 11 0.24 -20.72 -14.60
N THR A 12 0.81 -21.74 -13.95
CA THR A 12 2.11 -22.29 -14.27
C THR A 12 2.40 -22.50 -15.74
N ASN A 13 1.43 -23.03 -16.48
CA ASN A 13 1.63 -23.32 -17.89
C ASN A 13 1.55 -22.13 -18.86
N THR A 14 1.47 -20.92 -18.33
CA THR A 14 1.45 -19.73 -19.19
C THR A 14 2.85 -19.11 -19.13
N SER A 15 3.35 -18.67 -20.28
CA SER A 15 4.67 -18.08 -20.36
C SER A 15 4.81 -16.82 -19.51
N SER A 16 3.70 -16.13 -19.28
CA SER A 16 3.74 -14.89 -18.50
C SER A 16 3.35 -15.09 -17.04
N GLN A 17 3.12 -16.34 -16.65
CA GLN A 17 2.72 -16.66 -15.28
C GLN A 17 1.55 -15.80 -14.84
N LEU A 18 0.47 -15.85 -15.61
CA LEU A 18 -0.73 -15.09 -15.31
C LEU A 18 -1.28 -15.43 -13.92
N LYS A 19 -1.75 -14.42 -13.20
CA LYS A 19 -2.29 -14.62 -11.86
C LYS A 19 -3.81 -14.63 -11.87
N MET A 20 -4.39 -15.77 -11.53
CA MET A 20 -5.84 -15.92 -11.49
C MET A 20 -6.38 -15.83 -10.07
N PRO A 21 -7.35 -14.93 -9.82
CA PRO A 21 -7.92 -14.81 -8.48
C PRO A 21 -8.44 -16.20 -8.08
N VAL A 22 -8.05 -16.70 -6.92
CA VAL A 22 -8.47 -18.04 -6.50
C VAL A 22 -9.98 -18.23 -6.44
N VAL A 23 -10.71 -17.17 -6.10
CA VAL A 23 -12.16 -17.26 -6.05
C VAL A 23 -12.73 -16.32 -7.12
N GLY A 24 -13.73 -16.80 -7.84
CA GLY A 24 -14.37 -16.01 -8.87
C GLY A 24 -15.87 -16.15 -8.81
N MET A 25 -16.57 -15.33 -9.60
CA MET A 25 -18.03 -15.36 -9.64
C MET A 25 -18.51 -16.13 -10.86
N GLY A 26 -19.35 -17.13 -10.64
CA GLY A 26 -19.87 -17.91 -11.75
C GLY A 26 -21.09 -17.26 -12.37
N SER A 27 -21.51 -17.75 -13.54
CA SER A 27 -22.67 -17.18 -14.21
C SER A 27 -23.51 -18.17 -15.00
N ALA A 28 -23.49 -19.44 -14.63
CA ALA A 28 -24.30 -20.43 -15.32
C ALA A 28 -25.75 -20.27 -14.86
N PRO A 29 -26.71 -20.65 -15.72
CA PRO A 29 -28.14 -20.55 -15.42
C PRO A 29 -28.54 -21.14 -14.07
N ASP A 30 -29.28 -20.36 -13.28
CA ASP A 30 -29.76 -20.77 -11.98
C ASP A 30 -31.27 -20.97 -12.13
N PHE A 31 -31.70 -22.22 -12.12
CA PHE A 31 -33.11 -22.58 -12.28
C PHE A 31 -34.09 -21.80 -11.41
N THR A 32 -33.72 -21.52 -10.16
CA THR A 32 -34.61 -20.81 -9.24
C THR A 32 -34.22 -19.35 -9.03
N CYS A 33 -33.52 -18.76 -9.98
CA CYS A 33 -33.07 -17.38 -9.84
C CYS A 33 -33.73 -16.40 -10.81
N LYS A 34 -34.25 -15.30 -10.27
CA LYS A 34 -34.88 -14.27 -11.07
C LYS A 34 -34.22 -12.92 -10.80
N LYS A 35 -32.98 -12.97 -10.30
CA LYS A 35 -32.23 -11.76 -10.00
C LYS A 35 -31.66 -11.15 -11.27
N ASP A 36 -31.38 -9.86 -11.23
CA ASP A 36 -30.82 -9.15 -12.37
C ASP A 36 -29.32 -9.45 -12.47
N THR A 37 -28.93 -10.17 -13.51
CA THR A 37 -27.53 -10.53 -13.71
C THR A 37 -26.57 -9.33 -13.69
N LYS A 38 -26.83 -8.35 -14.55
CA LYS A 38 -25.97 -7.17 -14.61
C LYS A 38 -25.77 -6.51 -13.24
N ASP A 39 -26.86 -6.24 -12.54
CA ASP A 39 -26.80 -5.61 -11.23
C ASP A 39 -25.99 -6.45 -10.25
N ALA A 40 -26.14 -7.77 -10.33
CA ALA A 40 -25.43 -8.68 -9.44
C ALA A 40 -23.92 -8.61 -9.68
N ILE A 41 -23.51 -8.56 -10.94
CA ILE A 41 -22.10 -8.50 -11.29
C ILE A 41 -21.47 -7.19 -10.81
N ILE A 42 -22.19 -6.09 -10.97
CA ILE A 42 -21.69 -4.79 -10.53
C ILE A 42 -21.49 -4.82 -9.02
N GLU A 43 -22.45 -5.38 -8.31
CA GLU A 43 -22.34 -5.49 -6.86
C GLU A 43 -21.11 -6.33 -6.52
N ALA A 44 -20.90 -7.41 -7.27
CA ALA A 44 -19.76 -8.30 -7.04
C ALA A 44 -18.44 -7.52 -7.20
N ILE A 45 -18.37 -6.70 -8.23
CA ILE A 45 -17.17 -5.90 -8.47
C ILE A 45 -16.93 -4.94 -7.29
N LYS A 46 -18.01 -4.31 -6.81
CA LYS A 46 -17.88 -3.40 -5.69
C LYS A 46 -17.39 -4.13 -4.45
N GLN A 47 -17.73 -5.41 -4.34
CA GLN A 47 -17.33 -6.21 -3.19
C GLN A 47 -15.91 -6.75 -3.25
N GLY A 48 -15.29 -6.71 -4.43
CA GLY A 48 -13.94 -7.23 -4.55
C GLY A 48 -13.72 -8.28 -5.62
N TYR A 49 -14.80 -8.83 -6.15
CA TYR A 49 -14.70 -9.84 -7.21
C TYR A 49 -14.04 -9.25 -8.44
N ARG A 50 -13.10 -10.00 -9.02
CA ARG A 50 -12.38 -9.57 -10.22
C ARG A 50 -12.35 -10.70 -11.26
N HIS A 51 -12.52 -11.92 -10.78
CA HIS A 51 -12.51 -13.13 -11.61
C HIS A 51 -13.96 -13.50 -11.94
N PHE A 52 -14.32 -13.47 -13.23
CA PHE A 52 -15.67 -13.81 -13.66
C PHE A 52 -15.64 -14.94 -14.68
N ASP A 53 -16.49 -15.92 -14.43
CA ASP A 53 -16.55 -17.10 -15.29
C ASP A 53 -17.88 -17.18 -16.04
N THR A 54 -17.80 -17.30 -17.36
CA THR A 54 -19.00 -17.42 -18.18
C THR A 54 -18.76 -18.41 -19.31
N ALA A 55 -19.70 -18.49 -20.25
CA ALA A 55 -19.60 -19.41 -21.38
C ALA A 55 -20.64 -19.05 -22.42
N ALA A 56 -20.37 -19.37 -23.68
CA ALA A 56 -21.33 -19.07 -24.73
C ALA A 56 -22.65 -19.77 -24.45
N ALA A 57 -22.58 -20.94 -23.83
CA ALA A 57 -23.79 -21.70 -23.53
C ALA A 57 -24.65 -21.23 -22.36
N TYR A 58 -24.12 -20.35 -21.52
CA TYR A 58 -24.88 -19.90 -20.35
C TYR A 58 -25.95 -18.86 -20.61
N GLY A 59 -25.78 -18.10 -21.69
CA GLY A 59 -26.74 -17.05 -22.00
C GLY A 59 -26.48 -15.83 -21.15
N SER A 60 -25.36 -15.83 -20.43
CA SER A 60 -25.01 -14.72 -19.55
C SER A 60 -23.91 -13.79 -20.06
N GLU A 61 -23.28 -14.13 -21.18
CA GLU A 61 -22.21 -13.30 -21.72
C GLU A 61 -22.64 -11.84 -21.94
N GLN A 62 -23.83 -11.65 -22.48
CA GLN A 62 -24.33 -10.30 -22.74
C GLN A 62 -24.42 -9.45 -21.48
N ALA A 63 -25.15 -9.94 -20.49
CA ALA A 63 -25.32 -9.22 -19.24
C ALA A 63 -23.99 -9.00 -18.52
N LEU A 64 -23.13 -10.02 -18.51
CA LEU A 64 -21.83 -9.89 -17.85
C LEU A 64 -21.04 -8.75 -18.51
N GLY A 65 -21.04 -8.74 -19.84
CA GLY A 65 -20.32 -7.72 -20.58
C GLY A 65 -20.84 -6.32 -20.31
N GLU A 66 -22.16 -6.19 -20.18
CA GLU A 66 -22.75 -4.88 -19.92
C GLU A 66 -22.29 -4.40 -18.54
N ALA A 67 -22.19 -5.34 -17.60
CA ALA A 67 -21.77 -5.03 -16.24
C ALA A 67 -20.31 -4.59 -16.20
N LEU A 68 -19.45 -5.34 -16.87
CA LEU A 68 -18.03 -5.00 -16.87
C LEU A 68 -17.83 -3.62 -17.51
N LYS A 69 -18.48 -3.42 -18.64
CA LYS A 69 -18.37 -2.15 -19.36
C LYS A 69 -18.80 -0.97 -18.50
N GLU A 70 -19.95 -1.09 -17.85
CA GLU A 70 -20.45 -0.02 -17.00
C GLU A 70 -19.50 0.19 -15.82
N ALA A 71 -19.06 -0.90 -15.21
CA ALA A 71 -18.16 -0.82 -14.07
C ALA A 71 -16.88 -0.08 -14.45
N ILE A 72 -16.37 -0.34 -15.65
CA ILE A 72 -15.16 0.31 -16.12
C ILE A 72 -15.40 1.79 -16.40
N GLU A 73 -16.59 2.12 -16.92
CA GLU A 73 -16.94 3.50 -17.23
C GLU A 73 -17.09 4.32 -15.95
N LEU A 74 -17.66 3.69 -14.92
CA LEU A 74 -17.87 4.36 -13.64
C LEU A 74 -16.61 4.41 -12.80
N GLY A 75 -15.53 3.81 -13.29
CA GLY A 75 -14.28 3.83 -12.56
C GLY A 75 -14.20 2.88 -11.38
N LEU A 76 -15.08 1.89 -11.36
CA LEU A 76 -15.10 0.91 -10.27
C LEU A 76 -13.96 -0.09 -10.41
N VAL A 77 -13.49 -0.29 -11.63
CA VAL A 77 -12.42 -1.24 -11.90
C VAL A 77 -11.86 -0.98 -13.29
N THR A 78 -10.72 -1.58 -13.60
CA THR A 78 -10.12 -1.44 -14.92
C THR A 78 -10.07 -2.82 -15.58
N ARG A 79 -10.07 -2.86 -16.90
CA ARG A 79 -10.04 -4.13 -17.61
C ARG A 79 -8.85 -4.98 -17.18
N ASP A 80 -7.74 -4.32 -16.93
CA ASP A 80 -6.52 -5.00 -16.50
C ASP A 80 -6.67 -5.69 -15.15
N ASP A 81 -7.54 -5.17 -14.30
CA ASP A 81 -7.78 -5.77 -12.98
C ASP A 81 -8.68 -6.99 -13.07
N LEU A 82 -9.41 -7.10 -14.17
CA LEU A 82 -10.33 -8.21 -14.36
C LEU A 82 -9.73 -9.46 -14.97
N PHE A 83 -10.33 -10.60 -14.63
CA PHE A 83 -9.92 -11.89 -15.17
C PHE A 83 -11.21 -12.50 -15.68
N VAL A 84 -11.39 -12.49 -17.00
CA VAL A 84 -12.61 -12.99 -17.61
C VAL A 84 -12.37 -14.27 -18.39
N THR A 85 -13.18 -15.28 -18.09
CA THR A 85 -13.11 -16.58 -18.74
C THR A 85 -14.40 -16.90 -19.48
N SER A 86 -14.27 -17.46 -20.68
CA SER A 86 -15.46 -17.90 -21.39
C SER A 86 -15.12 -19.25 -21.98
N LYS A 87 -16.09 -19.89 -22.63
CA LYS A 87 -15.86 -21.23 -23.16
C LYS A 87 -16.44 -21.50 -24.55
N LEU A 88 -15.75 -22.38 -25.27
CA LEU A 88 -16.12 -22.81 -26.62
C LEU A 88 -17.15 -23.95 -26.50
N TRP A 89 -18.37 -23.70 -26.98
CA TRP A 89 -19.42 -24.71 -26.88
C TRP A 89 -19.25 -25.91 -27.83
N VAL A 90 -19.87 -27.02 -27.46
CA VAL A 90 -19.81 -28.27 -28.21
C VAL A 90 -20.14 -28.16 -29.70
N THR A 91 -21.12 -27.33 -30.05
CA THR A 91 -21.51 -27.17 -31.46
C THR A 91 -20.43 -26.52 -32.32
N GLU A 92 -19.56 -25.73 -31.68
CA GLU A 92 -18.50 -25.03 -32.42
C GLU A 92 -17.12 -25.63 -32.15
N ASN A 93 -17.13 -26.79 -31.48
CA ASN A 93 -15.91 -27.50 -31.11
C ASN A 93 -15.36 -28.26 -32.31
N HIS A 94 -15.08 -27.51 -33.37
CA HIS A 94 -14.53 -28.04 -34.62
C HIS A 94 -13.37 -27.11 -34.98
N PRO A 95 -12.25 -27.68 -35.48
CA PRO A 95 -11.04 -26.92 -35.85
C PRO A 95 -11.21 -25.52 -36.43
N HIS A 96 -11.98 -25.39 -37.50
CA HIS A 96 -12.15 -24.09 -38.14
C HIS A 96 -13.29 -23.23 -37.61
N LEU A 97 -13.99 -23.70 -36.58
CA LEU A 97 -15.08 -22.93 -36.00
C LEU A 97 -14.71 -22.32 -34.65
N VAL A 98 -13.52 -22.68 -34.14
CA VAL A 98 -13.02 -22.19 -32.85
C VAL A 98 -12.83 -20.67 -32.79
N ILE A 99 -12.00 -20.14 -33.68
CA ILE A 99 -11.75 -18.70 -33.67
C ILE A 99 -13.04 -17.93 -33.90
N PRO A 100 -13.85 -18.33 -34.90
CA PRO A 100 -15.09 -17.58 -35.11
C PRO A 100 -15.93 -17.56 -33.82
N ALA A 101 -15.97 -18.69 -33.11
CA ALA A 101 -16.74 -18.78 -31.88
C ALA A 101 -16.18 -17.85 -30.80
N LEU A 102 -14.86 -17.77 -30.71
CA LEU A 102 -14.22 -16.90 -29.74
C LEU A 102 -14.51 -15.44 -30.09
N GLN A 103 -14.44 -15.11 -31.37
CA GLN A 103 -14.72 -13.76 -31.83
C GLN A 103 -16.17 -13.37 -31.51
N LYS A 104 -17.07 -14.35 -31.61
CA LYS A 104 -18.47 -14.11 -31.32
C LYS A 104 -18.66 -13.85 -29.82
N SER A 105 -17.97 -14.63 -28.98
CA SER A 105 -18.06 -14.44 -27.54
C SER A 105 -17.53 -13.06 -27.17
N LEU A 106 -16.40 -12.68 -27.77
CA LEU A 106 -15.80 -11.38 -27.48
C LEU A 106 -16.75 -10.26 -27.88
N LYS A 107 -17.41 -10.41 -29.02
CA LYS A 107 -18.35 -9.40 -29.48
C LYS A 107 -19.50 -9.28 -28.50
N THR A 108 -20.03 -10.43 -28.07
CA THR A 108 -21.14 -10.45 -27.13
C THR A 108 -20.75 -9.79 -25.79
N LEU A 109 -19.55 -10.11 -25.31
CA LEU A 109 -19.04 -9.58 -24.05
C LEU A 109 -18.58 -8.13 -24.15
N GLN A 110 -18.44 -7.65 -25.38
CA GLN A 110 -17.96 -6.29 -25.65
C GLN A 110 -16.54 -6.16 -25.11
N LEU A 111 -15.75 -7.22 -25.32
CA LEU A 111 -14.37 -7.24 -24.88
C LEU A 111 -13.42 -7.43 -26.07
N ASP A 112 -12.18 -6.99 -25.90
CA ASP A 112 -11.17 -7.12 -26.95
C ASP A 112 -10.41 -8.43 -26.79
N TYR A 113 -10.36 -8.93 -25.57
CA TYR A 113 -9.67 -10.18 -25.28
C TYR A 113 -10.22 -10.83 -24.03
N LEU A 114 -10.00 -12.14 -23.93
CA LEU A 114 -10.41 -12.90 -22.76
C LEU A 114 -9.12 -13.22 -22.03
N ASP A 115 -9.21 -13.43 -20.72
CA ASP A 115 -8.03 -13.77 -19.97
C ASP A 115 -7.82 -15.27 -20.11
N LEU A 116 -8.92 -16.00 -20.23
CA LEU A 116 -8.88 -17.46 -20.37
C LEU A 116 -10.04 -17.94 -21.25
N TYR A 117 -9.75 -18.90 -22.12
CA TYR A 117 -10.76 -19.48 -23.01
C TYR A 117 -10.63 -20.99 -22.87
N LEU A 118 -11.74 -21.65 -22.58
CA LEU A 118 -11.72 -23.10 -22.38
C LEU A 118 -12.59 -23.91 -23.34
N ILE A 119 -12.14 -25.12 -23.67
CA ILE A 119 -12.94 -26.01 -24.47
C ILE A 119 -13.95 -26.46 -23.41
N HIS A 120 -15.23 -26.17 -23.61
CA HIS A 120 -16.25 -26.50 -22.61
C HIS A 120 -16.41 -27.99 -22.29
N TRP A 121 -16.40 -28.83 -23.32
CA TRP A 121 -16.53 -30.27 -23.15
C TRP A 121 -15.73 -31.02 -24.20
N PRO A 122 -15.27 -32.24 -23.87
CA PRO A 122 -14.50 -33.04 -24.82
C PRO A 122 -15.51 -33.73 -25.76
N LEU A 123 -16.37 -32.90 -26.36
CA LEU A 123 -17.41 -33.38 -27.27
C LEU A 123 -17.64 -32.37 -28.38
N SER A 124 -18.17 -32.86 -29.51
CA SER A 124 -18.48 -32.00 -30.65
C SER A 124 -19.89 -32.37 -31.12
N SER A 125 -20.65 -31.39 -31.61
CA SER A 125 -21.99 -31.69 -32.08
C SER A 125 -22.36 -30.83 -33.28
N GLN A 126 -23.54 -31.06 -33.84
CA GLN A 126 -24.00 -30.31 -35.01
C GLN A 126 -23.74 -28.81 -34.87
N PRO A 127 -22.92 -28.25 -35.75
CA PRO A 127 -22.59 -26.82 -35.73
C PRO A 127 -23.70 -25.87 -36.14
N GLY A 128 -23.62 -24.63 -35.66
CA GLY A 128 -24.58 -23.61 -36.07
C GLY A 128 -25.87 -23.38 -35.30
N LYS A 129 -26.11 -24.15 -34.25
CA LYS A 129 -27.33 -23.96 -33.48
C LYS A 129 -27.19 -24.50 -32.07
N PHE A 130 -27.52 -23.66 -31.09
CA PHE A 130 -27.43 -24.06 -29.70
C PHE A 130 -28.69 -24.80 -29.32
N SER A 131 -28.52 -26.04 -28.86
CA SER A 131 -29.63 -26.88 -28.45
C SER A 131 -29.25 -27.59 -27.16
N PHE A 132 -30.04 -27.39 -26.11
CA PHE A 132 -29.75 -28.01 -24.84
C PHE A 132 -30.97 -28.69 -24.24
N PRO A 133 -30.83 -29.95 -23.80
CA PRO A 133 -29.60 -30.73 -23.85
C PRO A 133 -29.26 -31.16 -25.28
N ILE A 134 -28.06 -31.70 -25.46
CA ILE A 134 -27.61 -32.16 -26.77
C ILE A 134 -28.13 -33.58 -27.05
N ASP A 135 -28.83 -33.74 -28.17
CA ASP A 135 -29.34 -35.05 -28.54
C ASP A 135 -28.13 -35.86 -28.99
N VAL A 136 -27.97 -37.06 -28.46
CA VAL A 136 -26.81 -37.86 -28.83
C VAL A 136 -26.67 -38.08 -30.33
N ALA A 137 -27.78 -38.05 -31.05
CA ALA A 137 -27.75 -38.25 -32.49
C ALA A 137 -27.05 -37.09 -33.20
N ASP A 138 -26.97 -35.95 -32.53
CA ASP A 138 -26.32 -34.77 -33.11
C ASP A 138 -24.83 -34.71 -32.79
N LEU A 139 -24.32 -35.69 -32.05
CA LEU A 139 -22.90 -35.67 -31.73
C LEU A 139 -22.08 -35.96 -32.98
N LEU A 140 -20.86 -35.45 -33.00
CA LEU A 140 -19.93 -35.65 -34.10
C LEU A 140 -18.55 -35.91 -33.51
N PRO A 141 -17.67 -36.60 -34.26
CA PRO A 141 -16.31 -36.91 -33.78
C PRO A 141 -15.54 -35.64 -33.41
N PHE A 142 -14.92 -35.65 -32.24
CA PHE A 142 -14.14 -34.52 -31.73
C PHE A 142 -12.67 -34.64 -32.15
N ASP A 143 -12.19 -33.65 -32.89
CA ASP A 143 -10.81 -33.61 -33.35
C ASP A 143 -10.00 -32.77 -32.37
N VAL A 144 -9.56 -33.40 -31.28
CA VAL A 144 -8.79 -32.73 -30.24
C VAL A 144 -7.59 -31.96 -30.75
N LYS A 145 -6.75 -32.64 -31.54
CA LYS A 145 -5.55 -32.01 -32.08
C LYS A 145 -5.87 -30.76 -32.90
N GLY A 146 -6.83 -30.88 -33.81
CA GLY A 146 -7.20 -29.76 -34.65
C GLY A 146 -7.80 -28.60 -33.87
N VAL A 147 -8.64 -28.91 -32.88
CA VAL A 147 -9.24 -27.86 -32.07
C VAL A 147 -8.18 -27.16 -31.22
N TRP A 148 -7.30 -27.93 -30.61
CA TRP A 148 -6.27 -27.32 -29.78
C TRP A 148 -5.33 -26.45 -30.59
N GLU A 149 -5.05 -26.85 -31.83
CA GLU A 149 -4.17 -26.04 -32.66
C GLU A 149 -4.81 -24.67 -32.88
N SER A 150 -6.14 -24.65 -32.97
CA SER A 150 -6.86 -23.39 -33.16
C SER A 150 -6.89 -22.56 -31.88
N MET A 151 -6.88 -23.23 -30.73
CA MET A 151 -6.86 -22.53 -29.45
C MET A 151 -5.48 -21.87 -29.35
N GLU A 152 -4.45 -22.61 -29.75
CA GLU A 152 -3.09 -22.10 -29.72
C GLU A 152 -2.97 -20.88 -30.64
N GLU A 153 -3.65 -20.94 -31.79
CA GLU A 153 -3.62 -19.83 -32.73
C GLU A 153 -4.29 -18.61 -32.09
N SER A 154 -5.33 -18.85 -31.30
CA SER A 154 -6.05 -17.77 -30.63
C SER A 154 -5.12 -17.00 -29.69
N LEU A 155 -4.14 -17.69 -29.12
CA LEU A 155 -3.17 -17.05 -28.24
C LEU A 155 -2.30 -16.09 -29.04
N LYS A 156 -1.83 -16.57 -30.19
CA LYS A 156 -0.98 -15.78 -31.07
C LYS A 156 -1.72 -14.56 -31.60
N LEU A 157 -3.02 -14.69 -31.80
CA LEU A 157 -3.84 -13.60 -32.29
C LEU A 157 -4.14 -12.60 -31.18
N GLY A 158 -3.88 -13.02 -29.94
CA GLY A 158 -4.12 -12.15 -28.81
C GLY A 158 -5.59 -12.06 -28.43
N LEU A 159 -6.39 -13.00 -28.91
CA LEU A 159 -7.82 -13.00 -28.61
C LEU A 159 -8.03 -13.46 -27.16
N THR A 160 -7.08 -14.22 -26.64
CA THR A 160 -7.15 -14.69 -25.27
C THR A 160 -5.73 -14.74 -24.72
N LYS A 161 -5.59 -14.50 -23.42
CA LYS A 161 -4.27 -14.51 -22.79
C LYS A 161 -3.84 -15.90 -22.39
N ALA A 162 -4.80 -16.81 -22.27
CA ALA A 162 -4.52 -18.18 -21.89
C ALA A 162 -5.61 -19.11 -22.44
N ILE A 163 -5.26 -20.38 -22.59
CA ILE A 163 -6.19 -21.39 -23.10
C ILE A 163 -6.16 -22.61 -22.19
N GLY A 164 -7.31 -23.27 -22.08
CA GLY A 164 -7.41 -24.45 -21.23
C GLY A 164 -8.58 -25.32 -21.64
N VAL A 165 -8.99 -26.23 -20.77
CA VAL A 165 -10.11 -27.12 -21.05
C VAL A 165 -11.03 -27.24 -19.86
N SER A 166 -12.15 -27.93 -20.07
CA SER A 166 -13.13 -28.14 -19.03
C SER A 166 -13.69 -29.54 -19.17
N ASN A 167 -13.94 -30.20 -18.04
CA ASN A 167 -14.49 -31.55 -18.05
C ASN A 167 -13.61 -32.58 -18.74
N PHE A 168 -12.29 -32.42 -18.65
CA PHE A 168 -11.36 -33.38 -19.24
C PHE A 168 -10.84 -34.32 -18.16
N SER A 169 -10.88 -35.61 -18.44
CA SER A 169 -10.39 -36.61 -17.49
C SER A 169 -8.87 -36.71 -17.59
N VAL A 170 -8.26 -37.52 -16.73
CA VAL A 170 -6.81 -37.67 -16.78
C VAL A 170 -6.47 -38.29 -18.13
N LYS A 171 -7.24 -39.30 -18.51
CA LYS A 171 -7.02 -39.99 -19.77
C LYS A 171 -7.06 -39.03 -20.97
N LYS A 172 -8.07 -38.16 -20.99
CA LYS A 172 -8.19 -37.21 -22.09
C LYS A 172 -7.10 -36.14 -22.03
N LEU A 173 -6.68 -35.78 -20.82
CA LEU A 173 -5.61 -34.79 -20.67
C LEU A 173 -4.32 -35.38 -21.18
N GLU A 174 -4.10 -36.67 -20.89
CA GLU A 174 -2.89 -37.35 -21.34
C GLU A 174 -2.85 -37.36 -22.85
N ASN A 175 -4.01 -37.52 -23.47
CA ASN A 175 -4.11 -37.53 -24.93
C ASN A 175 -3.82 -36.13 -25.47
N LEU A 176 -4.40 -35.12 -24.83
CA LEU A 176 -4.19 -33.74 -25.25
C LEU A 176 -2.72 -33.36 -25.16
N LEU A 177 -2.10 -33.66 -24.02
CA LEU A 177 -0.69 -33.35 -23.81
C LEU A 177 0.22 -33.96 -24.88
N SER A 178 -0.19 -35.09 -25.45
CA SER A 178 0.61 -35.76 -26.48
C SER A 178 0.58 -35.04 -27.83
N VAL A 179 -0.31 -34.07 -27.98
CA VAL A 179 -0.41 -33.35 -29.24
C VAL A 179 -0.39 -31.84 -29.04
N ALA A 180 -0.19 -31.40 -27.81
CA ALA A 180 -0.18 -29.97 -27.50
C ALA A 180 1.21 -29.35 -27.50
N THR A 181 1.29 -28.14 -28.06
CA THR A 181 2.54 -27.38 -28.09
C THR A 181 2.50 -26.54 -26.83
N VAL A 182 1.38 -25.84 -26.64
CA VAL A 182 1.17 -25.03 -25.45
C VAL A 182 0.33 -25.92 -24.55
N LEU A 183 0.80 -26.17 -23.34
CA LEU A 183 0.07 -27.02 -22.41
C LEU A 183 -1.16 -26.27 -21.89
N PRO A 184 -2.25 -27.00 -21.59
CA PRO A 184 -3.45 -26.33 -21.08
C PRO A 184 -3.15 -25.67 -19.73
N ALA A 185 -3.54 -24.41 -19.60
CA ALA A 185 -3.28 -23.66 -18.38
C ALA A 185 -4.24 -24.04 -17.26
N VAL A 186 -5.43 -24.47 -17.64
CA VAL A 186 -6.49 -24.79 -16.69
C VAL A 186 -7.38 -25.94 -17.14
N ASN A 187 -7.98 -26.61 -16.17
CA ASN A 187 -8.95 -27.66 -16.43
C ASN A 187 -10.06 -27.35 -15.42
N GLN A 188 -11.22 -26.96 -15.92
CA GLN A 188 -12.34 -26.65 -15.04
C GLN A 188 -13.26 -27.84 -14.98
N VAL A 189 -13.40 -28.39 -13.77
CA VAL A 189 -14.25 -29.56 -13.57
C VAL A 189 -15.07 -29.42 -12.30
N GLU A 190 -16.08 -30.27 -12.16
CA GLU A 190 -16.88 -30.24 -10.95
C GLU A 190 -15.97 -30.64 -9.79
N MET A 191 -16.04 -29.89 -8.70
CA MET A 191 -15.25 -30.19 -7.52
C MET A 191 -15.93 -29.55 -6.33
N ASN A 192 -16.36 -30.39 -5.41
CA ASN A 192 -17.02 -29.95 -4.18
C ASN A 192 -16.70 -31.00 -3.12
N LEU A 193 -17.15 -30.80 -1.89
CA LEU A 193 -16.85 -31.75 -0.82
C LEU A 193 -17.32 -33.17 -1.08
N ALA A 194 -18.32 -33.34 -1.94
CA ALA A 194 -18.83 -34.67 -2.26
C ALA A 194 -18.26 -35.22 -3.58
N TRP A 195 -17.36 -34.46 -4.18
CA TRP A 195 -16.71 -34.87 -5.43
C TRP A 195 -15.36 -34.17 -5.43
N GLN A 196 -14.41 -34.75 -4.71
CA GLN A 196 -13.08 -34.18 -4.52
C GLN A 196 -12.04 -34.30 -5.62
N GLN A 197 -12.29 -35.13 -6.62
CA GLN A 197 -11.35 -35.27 -7.74
C GLN A 197 -9.89 -35.41 -7.33
N LYS A 198 -9.61 -36.23 -6.32
CA LYS A 198 -8.24 -36.39 -5.84
C LYS A 198 -7.23 -36.78 -6.93
N LYS A 199 -7.49 -37.87 -7.64
CA LYS A 199 -6.59 -38.33 -8.69
C LYS A 199 -6.37 -37.28 -9.77
N LEU A 200 -7.47 -36.71 -10.25
CA LEU A 200 -7.40 -35.69 -11.28
C LEU A 200 -6.58 -34.50 -10.80
N ARG A 201 -6.84 -34.08 -9.57
CA ARG A 201 -6.16 -32.95 -8.98
C ARG A 201 -4.65 -33.20 -8.90
N GLU A 202 -4.25 -34.42 -8.55
CA GLU A 202 -2.84 -34.76 -8.46
C GLU A 202 -2.20 -34.72 -9.84
N PHE A 203 -2.89 -35.28 -10.84
CA PHE A 203 -2.38 -35.30 -12.19
C PHE A 203 -2.17 -33.87 -12.68
N CYS A 204 -3.18 -33.02 -12.54
CA CYS A 204 -3.07 -31.64 -12.98
C CYS A 204 -1.90 -30.93 -12.31
N ASN A 205 -1.74 -31.10 -11.00
CA ASN A 205 -0.64 -30.47 -10.28
C ASN A 205 0.69 -30.92 -10.87
N ALA A 206 0.81 -32.21 -11.14
CA ALA A 206 2.03 -32.77 -11.69
C ALA A 206 2.39 -32.20 -13.05
N HIS A 207 1.40 -31.67 -13.75
CA HIS A 207 1.63 -31.10 -15.08
C HIS A 207 1.46 -29.60 -15.18
N GLY A 208 1.42 -28.94 -14.03
CA GLY A 208 1.30 -27.49 -13.99
C GLY A 208 -0.06 -26.95 -14.37
N ILE A 209 -1.03 -27.84 -14.54
CA ILE A 209 -2.39 -27.43 -14.91
C ILE A 209 -3.17 -27.02 -13.67
N VAL A 210 -3.65 -25.79 -13.63
CA VAL A 210 -4.42 -25.30 -12.50
C VAL A 210 -5.85 -25.81 -12.61
N LEU A 211 -6.41 -26.23 -11.49
CA LEU A 211 -7.77 -26.73 -11.46
C LEU A 211 -8.73 -25.63 -11.02
N THR A 212 -9.90 -25.56 -11.65
CA THR A 212 -10.92 -24.59 -11.24
C THR A 212 -12.16 -25.42 -10.98
N ALA A 213 -12.69 -25.29 -9.77
CA ALA A 213 -13.87 -26.05 -9.37
C ALA A 213 -15.19 -25.39 -9.74
N PHE A 214 -16.01 -26.09 -10.52
CA PHE A 214 -17.33 -25.54 -10.83
C PHE A 214 -18.32 -26.30 -9.94
N SER A 215 -19.50 -25.73 -9.73
CA SER A 215 -20.49 -26.31 -8.83
C SER A 215 -19.83 -26.66 -7.48
N PRO A 216 -19.00 -25.75 -6.95
CA PRO A 216 -18.31 -25.97 -5.67
C PRO A 216 -19.22 -26.16 -4.48
N VAL A 217 -20.47 -25.71 -4.59
CA VAL A 217 -21.44 -25.88 -3.51
C VAL A 217 -22.61 -26.70 -4.03
N ARG A 218 -22.32 -27.53 -5.03
CA ARG A 218 -23.29 -28.40 -5.68
C ARG A 218 -24.59 -27.71 -6.04
N LYS A 219 -24.47 -26.50 -6.60
CA LYS A 219 -25.63 -25.71 -7.02
C LYS A 219 -26.60 -25.35 -5.90
N GLY A 220 -26.09 -25.25 -4.68
CA GLY A 220 -26.93 -24.89 -3.55
C GLY A 220 -28.25 -25.64 -3.45
N ALA A 221 -29.35 -24.89 -3.47
CA ALA A 221 -30.68 -25.49 -3.37
C ALA A 221 -31.47 -25.42 -4.67
N SER A 222 -30.80 -25.04 -5.76
CA SER A 222 -31.46 -24.92 -7.05
C SER A 222 -31.89 -26.26 -7.66
N ARG A 223 -31.32 -27.36 -7.16
CA ARG A 223 -31.67 -28.68 -7.68
C ARG A 223 -32.13 -29.66 -6.60
N GLY A 224 -32.98 -29.20 -5.69
CA GLY A 224 -33.48 -30.06 -4.63
C GLY A 224 -32.48 -30.36 -3.54
N PRO A 225 -32.63 -31.50 -2.84
CA PRO A 225 -31.76 -31.94 -1.76
C PRO A 225 -30.27 -31.80 -2.06
N ASN A 226 -29.57 -31.02 -1.23
CA ASN A 226 -28.14 -30.82 -1.42
C ASN A 226 -27.34 -31.75 -0.51
N GLU A 227 -26.68 -32.71 -1.12
CA GLU A 227 -25.88 -33.70 -0.42
C GLU A 227 -24.85 -33.11 0.55
N VAL A 228 -24.24 -32.01 0.16
CA VAL A 228 -23.24 -31.34 0.99
C VAL A 228 -23.87 -30.50 2.09
N MET A 229 -24.84 -29.67 1.72
CA MET A 229 -25.50 -28.81 2.70
C MET A 229 -26.24 -29.63 3.77
N GLU A 230 -26.58 -30.86 3.43
CA GLU A 230 -27.30 -31.74 4.36
C GLU A 230 -26.41 -32.71 5.12
N ASN A 231 -25.10 -32.59 4.95
CA ASN A 231 -24.17 -33.48 5.63
C ASN A 231 -23.98 -33.08 7.09
N ASP A 232 -24.51 -33.90 7.99
CA ASP A 232 -24.42 -33.66 9.43
C ASP A 232 -23.01 -33.39 9.90
N MET A 233 -22.06 -34.16 9.39
CA MET A 233 -20.65 -34.00 9.75
C MET A 233 -20.17 -32.61 9.33
N LEU A 234 -20.57 -32.19 8.14
CA LEU A 234 -20.18 -30.87 7.64
C LEU A 234 -20.88 -29.77 8.43
N LYS A 235 -22.12 -30.01 8.83
CA LYS A 235 -22.87 -29.04 9.62
C LYS A 235 -22.16 -28.83 10.96
N GLU A 236 -21.61 -29.91 11.51
CA GLU A 236 -20.90 -29.84 12.77
C GLU A 236 -19.61 -29.03 12.62
N ILE A 237 -18.90 -29.26 11.53
CA ILE A 237 -17.65 -28.54 11.28
C ILE A 237 -17.94 -27.05 11.13
N ALA A 238 -18.98 -26.72 10.36
CA ALA A 238 -19.35 -25.33 10.13
C ALA A 238 -19.75 -24.69 11.45
N ASP A 239 -20.56 -25.40 12.22
CA ASP A 239 -21.02 -24.91 13.51
C ASP A 239 -19.86 -24.68 14.47
N ALA A 240 -18.85 -25.53 14.40
CA ALA A 240 -17.69 -25.41 15.29
C ALA A 240 -16.88 -24.17 14.97
N HIS A 241 -16.82 -23.81 13.69
CA HIS A 241 -16.07 -22.63 13.24
C HIS A 241 -16.90 -21.35 13.26
N GLY A 242 -18.21 -21.49 13.37
CA GLY A 242 -19.07 -20.32 13.35
C GLY A 242 -19.18 -19.79 11.94
N LYS A 243 -19.13 -20.70 10.98
CA LYS A 243 -19.23 -20.37 9.56
C LYS A 243 -20.35 -21.21 8.95
N SER A 244 -20.61 -21.00 7.66
CA SER A 244 -21.64 -21.76 6.96
C SER A 244 -20.99 -22.96 6.29
N VAL A 245 -21.79 -23.93 5.86
CA VAL A 245 -21.24 -25.09 5.19
C VAL A 245 -20.61 -24.66 3.87
N ALA A 246 -21.21 -23.65 3.24
CA ALA A 246 -20.68 -23.13 1.98
C ALA A 246 -19.27 -22.60 2.23
N GLN A 247 -19.10 -21.85 3.31
CA GLN A 247 -17.80 -21.29 3.65
C GLN A 247 -16.79 -22.41 3.95
N ILE A 248 -17.23 -23.47 4.62
CA ILE A 248 -16.34 -24.58 4.92
C ILE A 248 -15.89 -25.20 3.59
N SER A 249 -16.83 -25.31 2.66
CA SER A 249 -16.55 -25.88 1.34
C SER A 249 -15.51 -25.07 0.58
N LEU A 250 -15.74 -23.77 0.44
CA LEU A 250 -14.81 -22.92 -0.29
C LEU A 250 -13.43 -22.87 0.38
N ARG A 251 -13.39 -22.84 1.71
CA ARG A 251 -12.11 -22.81 2.40
C ARG A 251 -11.34 -24.11 2.11
N TRP A 252 -12.04 -25.23 2.13
CA TRP A 252 -11.39 -26.51 1.87
C TRP A 252 -10.78 -26.49 0.48
N LEU A 253 -11.56 -26.08 -0.51
CA LEU A 253 -11.05 -26.02 -1.88
C LEU A 253 -9.80 -25.14 -1.96
N TYR A 254 -9.83 -23.99 -1.27
CA TYR A 254 -8.68 -23.10 -1.28
C TYR A 254 -7.45 -23.78 -0.69
N GLU A 255 -7.66 -24.50 0.41
CA GLU A 255 -6.57 -25.19 1.07
C GLU A 255 -6.02 -26.35 0.24
N GLN A 256 -6.82 -26.85 -0.70
CA GLN A 256 -6.40 -27.95 -1.57
C GLN A 256 -5.61 -27.42 -2.76
N GLY A 257 -5.45 -26.09 -2.82
CA GLY A 257 -4.69 -25.49 -3.89
C GLY A 257 -5.40 -25.30 -5.23
N VAL A 258 -6.72 -25.33 -5.22
CA VAL A 258 -7.46 -25.14 -6.47
C VAL A 258 -8.18 -23.80 -6.46
N THR A 259 -8.72 -23.41 -7.61
CA THR A 259 -9.46 -22.16 -7.73
C THR A 259 -10.93 -22.59 -7.82
N PHE A 260 -11.86 -21.67 -7.60
CA PHE A 260 -13.27 -22.02 -7.62
C PHE A 260 -14.13 -20.83 -8.03
N VAL A 261 -15.23 -21.12 -8.70
CA VAL A 261 -16.11 -20.06 -9.18
C VAL A 261 -17.57 -20.17 -8.75
N PRO A 262 -17.83 -20.12 -7.43
CA PRO A 262 -19.20 -20.22 -6.94
C PRO A 262 -20.05 -19.10 -7.52
N LYS A 263 -21.30 -19.39 -7.81
CA LYS A 263 -22.20 -18.37 -8.34
C LYS A 263 -23.21 -17.94 -7.28
N SER A 264 -23.24 -16.64 -7.00
CA SER A 264 -24.21 -16.10 -6.05
C SER A 264 -24.58 -14.69 -6.48
N TYR A 265 -25.88 -14.45 -6.67
CA TYR A 265 -26.34 -13.14 -7.06
C TYR A 265 -27.00 -12.47 -5.87
N ASP A 266 -26.79 -13.05 -4.69
CA ASP A 266 -27.33 -12.50 -3.45
C ASP A 266 -26.24 -11.67 -2.82
N LYS A 267 -26.57 -10.42 -2.50
CA LYS A 267 -25.59 -9.51 -1.91
C LYS A 267 -24.87 -10.11 -0.71
N GLU A 268 -25.62 -10.73 0.21
CA GLU A 268 -25.01 -11.32 1.41
C GLU A 268 -24.20 -12.57 1.12
N ARG A 269 -24.82 -13.52 0.41
CA ARG A 269 -24.12 -14.76 0.10
C ARG A 269 -22.86 -14.55 -0.74
N MET A 270 -22.90 -13.64 -1.72
CA MET A 270 -21.69 -13.45 -2.53
C MET A 270 -20.57 -12.89 -1.66
N ASN A 271 -20.92 -12.14 -0.62
CA ASN A 271 -19.88 -11.60 0.25
C ASN A 271 -19.35 -12.69 1.17
N GLN A 272 -20.23 -13.56 1.64
CA GLN A 272 -19.82 -14.65 2.50
C GLN A 272 -18.84 -15.57 1.78
N ASN A 273 -19.00 -15.69 0.46
CA ASN A 273 -18.11 -16.53 -0.32
C ASN A 273 -16.70 -15.97 -0.42
N LEU A 274 -16.53 -14.70 -0.06
CA LEU A 274 -15.21 -14.06 -0.09
C LEU A 274 -14.56 -14.07 1.29
N ARG A 275 -15.38 -14.24 2.32
CA ARG A 275 -14.90 -14.24 3.68
C ARG A 275 -14.41 -15.62 4.14
N ILE A 276 -13.35 -16.09 3.49
CA ILE A 276 -12.78 -17.40 3.78
C ILE A 276 -11.26 -17.36 3.87
N PHE A 277 -10.69 -16.18 4.09
CA PHE A 277 -9.24 -16.06 4.13
C PHE A 277 -8.56 -15.68 5.44
N ASP A 278 -9.33 -15.39 6.48
CA ASP A 278 -8.71 -15.06 7.76
C ASP A 278 -8.89 -16.14 8.82
N TRP A 279 -9.28 -17.32 8.38
CA TRP A 279 -9.45 -18.46 9.27
C TRP A 279 -9.12 -19.71 8.48
N SER A 280 -8.96 -20.84 9.15
CA SER A 280 -8.59 -22.07 8.45
C SER A 280 -9.16 -23.32 9.09
N LEU A 281 -9.11 -24.41 8.34
CA LEU A 281 -9.62 -25.69 8.81
C LEU A 281 -8.54 -26.37 9.65
N THR A 282 -8.96 -27.32 10.48
CA THR A 282 -8.03 -28.06 11.33
C THR A 282 -7.62 -29.37 10.70
N LYS A 283 -6.59 -29.99 11.25
CA LYS A 283 -6.12 -31.28 10.74
C LYS A 283 -7.28 -32.26 10.80
N GLU A 284 -8.04 -32.21 11.89
CA GLU A 284 -9.19 -33.10 12.07
C GLU A 284 -10.29 -32.81 11.06
N ASP A 285 -10.47 -31.54 10.71
CA ASP A 285 -11.49 -31.19 9.72
C ASP A 285 -11.15 -31.91 8.42
N HIS A 286 -9.88 -31.86 8.02
CA HIS A 286 -9.43 -32.50 6.79
C HIS A 286 -9.62 -34.01 6.83
N GLU A 287 -9.35 -34.61 7.98
CA GLU A 287 -9.51 -36.06 8.11
C GLU A 287 -10.97 -36.43 7.92
N LYS A 288 -11.87 -35.63 8.49
CA LYS A 288 -13.30 -35.89 8.37
C LYS A 288 -13.78 -35.72 6.93
N ILE A 289 -13.39 -34.61 6.31
CA ILE A 289 -13.79 -34.32 4.94
C ILE A 289 -13.27 -35.37 3.95
N ALA A 290 -12.08 -35.90 4.22
CA ALA A 290 -11.51 -36.92 3.33
C ALA A 290 -12.34 -38.20 3.37
N GLN A 291 -13.22 -38.30 4.37
CA GLN A 291 -14.07 -39.47 4.56
C GLN A 291 -15.44 -39.40 3.89
N ILE A 292 -15.81 -38.22 3.40
CA ILE A 292 -17.11 -38.03 2.76
C ILE A 292 -17.32 -38.94 1.55
N LYS A 293 -18.52 -39.54 1.47
CA LYS A 293 -18.85 -40.42 0.37
C LYS A 293 -18.96 -39.58 -0.91
N GLN A 294 -18.29 -40.05 -1.96
CA GLN A 294 -18.25 -39.34 -3.23
C GLN A 294 -19.41 -39.62 -4.18
N ASN A 295 -19.89 -38.56 -4.82
CA ASN A 295 -21.00 -38.65 -5.76
C ASN A 295 -20.96 -37.48 -6.75
N ARG A 296 -20.78 -37.79 -8.03
CA ARG A 296 -20.73 -36.75 -9.06
C ARG A 296 -22.11 -36.13 -9.30
N LEU A 297 -22.18 -34.81 -9.28
CA LEU A 297 -23.43 -34.10 -9.48
C LEU A 297 -23.79 -33.84 -10.94
N ILE A 298 -22.82 -33.45 -11.76
CA ILE A 298 -23.05 -33.13 -13.17
C ILE A 298 -22.62 -34.25 -14.11
N PRO A 299 -23.59 -34.93 -14.75
CA PRO A 299 -23.36 -36.04 -15.69
C PRO A 299 -22.84 -35.74 -17.10
N GLY A 300 -23.24 -34.61 -17.66
CA GLY A 300 -22.82 -34.28 -19.01
C GLY A 300 -23.91 -33.50 -19.71
N PRO A 301 -23.64 -32.88 -20.86
CA PRO A 301 -24.65 -32.11 -21.57
C PRO A 301 -25.53 -32.84 -22.58
N THR A 302 -25.37 -34.15 -22.69
CA THR A 302 -26.17 -34.91 -23.65
C THR A 302 -27.38 -35.61 -23.07
N LYS A 303 -28.28 -36.00 -23.96
CA LYS A 303 -29.49 -36.72 -23.60
C LYS A 303 -29.64 -37.86 -24.60
N PRO A 304 -29.50 -39.12 -24.13
CA PRO A 304 -29.22 -39.48 -22.73
C PRO A 304 -27.76 -39.23 -22.38
N GLY A 305 -27.37 -39.62 -21.17
CA GLY A 305 -26.00 -39.41 -20.74
C GLY A 305 -25.01 -40.38 -21.37
N LEU A 306 -23.73 -39.99 -21.32
CA LEU A 306 -22.64 -40.81 -21.85
C LEU A 306 -21.87 -41.36 -20.65
N ASN A 307 -22.10 -42.64 -20.35
CA ASN A 307 -21.44 -43.29 -19.21
C ASN A 307 -19.92 -43.31 -19.20
N ASP A 308 -19.29 -43.05 -20.34
CA ASP A 308 -17.83 -43.07 -20.40
C ASP A 308 -17.24 -41.67 -20.61
N LEU A 309 -18.07 -40.64 -20.49
CA LEU A 309 -17.61 -39.28 -20.71
C LEU A 309 -16.38 -38.89 -19.87
N TYR A 310 -16.39 -39.24 -18.59
CA TYR A 310 -15.27 -38.89 -17.73
C TYR A 310 -14.25 -40.01 -17.56
N ASP A 311 -14.37 -41.05 -18.37
CA ASP A 311 -13.45 -42.19 -18.30
C ASP A 311 -13.31 -42.72 -16.89
N ASP A 312 -14.43 -42.96 -16.23
CA ASP A 312 -14.41 -43.47 -14.87
C ASP A 312 -15.68 -44.24 -14.54
N GLU B 5 24.66 35.80 27.52
CA GLU B 5 24.65 34.67 28.50
C GLU B 5 24.20 33.37 27.83
N ILE B 6 23.94 33.41 26.53
CA ILE B 6 23.50 32.21 25.83
C ILE B 6 24.65 31.45 25.18
N PRO B 7 24.91 30.23 25.66
CA PRO B 7 25.98 29.36 25.16
C PRO B 7 25.81 29.02 23.68
N THR B 8 26.93 28.67 23.04
CA THR B 8 26.92 28.30 21.63
C THR B 8 27.57 26.93 21.51
N LYS B 9 27.36 26.29 20.36
CA LYS B 9 27.98 25.00 20.11
C LYS B 9 28.61 25.07 18.73
N VAL B 10 29.88 24.68 18.65
CA VAL B 10 30.58 24.71 17.38
C VAL B 10 30.11 23.61 16.44
N LEU B 11 29.88 23.98 15.19
CA LEU B 11 29.46 23.00 14.20
C LEU B 11 30.77 22.39 13.67
N THR B 12 31.17 21.31 14.32
CA THR B 12 32.41 20.60 14.00
C THR B 12 32.67 20.27 12.54
N ASN B 13 31.61 19.95 11.80
CA ASN B 13 31.77 19.59 10.39
C ASN B 13 31.90 20.77 9.42
N THR B 14 31.90 21.99 9.94
CA THR B 14 32.05 23.14 9.07
C THR B 14 33.51 23.58 9.10
N SER B 15 34.08 23.87 7.94
CA SER B 15 35.47 24.27 7.86
C SER B 15 35.69 25.55 8.67
N SER B 16 34.65 26.37 8.73
CA SER B 16 34.70 27.64 9.46
C SER B 16 34.40 27.51 10.95
N GLN B 17 34.05 26.30 11.38
CA GLN B 17 33.74 26.05 12.79
C GLN B 17 32.76 27.08 13.34
N LEU B 18 31.62 27.22 12.66
CA LEU B 18 30.58 28.16 13.06
C LEU B 18 30.02 27.85 14.44
N LYS B 19 29.70 28.91 15.19
CA LYS B 19 29.13 28.76 16.52
C LYS B 19 27.62 28.96 16.42
N MET B 20 26.87 27.96 16.87
CA MET B 20 25.41 28.04 16.83
C MET B 20 24.86 28.20 18.24
N PRO B 21 24.07 29.27 18.48
CA PRO B 21 23.52 29.44 19.84
C PRO B 21 22.75 28.15 20.15
N VAL B 22 22.97 27.58 21.33
CA VAL B 22 22.32 26.34 21.70
C VAL B 22 20.80 26.38 21.70
N VAL B 23 20.23 27.54 22.01
CA VAL B 23 18.78 27.68 22.00
C VAL B 23 18.41 28.71 20.95
N GLY B 24 17.41 28.38 20.15
CA GLY B 24 16.96 29.30 19.12
C GLY B 24 15.46 29.42 19.13
N MET B 25 14.94 30.38 18.38
CA MET B 25 13.50 30.60 18.30
C MET B 25 12.93 29.96 17.04
N GLY B 26 11.95 29.07 17.23
CA GLY B 26 11.32 28.41 16.11
C GLY B 26 10.22 29.27 15.48
N SER B 27 9.76 28.89 14.30
CA SER B 27 8.71 29.65 13.63
C SER B 27 7.72 28.84 12.79
N ALA B 28 7.52 27.56 13.12
CA ALA B 28 6.57 26.78 12.35
C ALA B 28 5.17 27.25 12.73
N PRO B 29 4.21 27.14 11.82
CA PRO B 29 2.84 27.58 12.09
C PRO B 29 2.18 26.91 13.30
N ASP B 30 1.48 27.73 14.07
CA ASP B 30 0.75 27.30 15.25
C ASP B 30 -0.66 27.81 14.98
N PHE B 31 -1.54 26.93 14.48
CA PHE B 31 -2.90 27.32 14.13
C PHE B 31 -3.75 27.84 15.30
N THR B 32 -3.21 27.76 16.52
CA THR B 32 -3.93 28.24 17.69
C THR B 32 -3.30 29.55 18.18
N CYS B 33 -2.21 29.95 17.54
CA CYS B 33 -1.49 31.17 17.91
C CYS B 33 -1.97 32.36 17.09
N LYS B 34 -2.39 33.41 17.79
CA LYS B 34 -2.87 34.62 17.13
C LYS B 34 -1.97 35.83 17.39
N LYS B 35 -0.68 35.58 17.62
CA LYS B 35 0.26 36.65 17.88
C LYS B 35 1.07 37.03 16.64
N ASP B 36 1.34 38.33 16.50
CA ASP B 36 2.10 38.84 15.36
C ASP B 36 3.52 38.29 15.35
N THR B 37 3.89 37.61 14.27
CA THR B 37 5.22 37.02 14.15
C THR B 37 6.35 38.06 14.24
N LYS B 38 6.24 39.11 13.44
CA LYS B 38 7.27 40.14 13.43
C LYS B 38 7.52 40.71 14.83
N ASP B 39 6.44 41.07 15.53
CA ASP B 39 6.58 41.62 16.86
C ASP B 39 7.24 40.64 17.82
N ALA B 40 6.92 39.35 17.67
CA ALA B 40 7.48 38.34 18.55
C ALA B 40 8.98 38.20 18.34
N ILE B 41 9.41 38.25 17.09
CA ILE B 41 10.83 38.11 16.78
C ILE B 41 11.63 39.30 17.30
N ILE B 42 11.07 40.50 17.18
CA ILE B 42 11.77 41.68 17.66
C ILE B 42 11.93 41.58 19.18
N GLU B 43 10.88 41.12 19.86
CA GLU B 43 10.93 40.95 21.31
C GLU B 43 11.97 39.88 21.67
N ALA B 44 12.00 38.80 20.89
CA ALA B 44 12.97 37.73 21.15
C ALA B 44 14.39 38.27 21.04
N ILE B 45 14.65 39.06 20.01
CA ILE B 45 15.98 39.64 19.82
C ILE B 45 16.36 40.52 21.02
N LYS B 46 15.42 41.34 21.48
CA LYS B 46 15.68 42.21 22.63
C LYS B 46 16.04 41.38 23.85
N GLN B 47 15.42 40.21 23.99
CA GLN B 47 15.68 39.34 25.12
C GLN B 47 16.98 38.57 25.03
N GLY B 48 17.55 38.49 23.83
CA GLY B 48 18.81 37.78 23.68
C GLY B 48 18.88 36.71 22.61
N TYR B 49 17.73 36.39 22.01
CA TYR B 49 17.70 35.37 20.95
C TYR B 49 18.50 35.85 19.74
N ARG B 50 19.30 34.95 19.18
CA ARG B 50 20.11 35.29 18.00
C ARG B 50 19.95 34.21 16.92
N HIS B 51 19.54 33.02 17.36
CA HIS B 51 19.33 31.86 16.50
C HIS B 51 17.84 31.78 16.15
N PHE B 52 17.54 31.87 14.87
CA PHE B 52 16.16 31.79 14.39
C PHE B 52 16.02 30.71 13.33
N ASP B 53 15.03 29.84 13.53
CA ASP B 53 14.78 28.72 12.65
C ASP B 53 13.46 28.88 11.88
N THR B 54 13.55 28.83 10.56
CA THR B 54 12.37 28.94 9.73
C THR B 54 12.49 27.93 8.58
N ALA B 55 11.60 28.03 7.61
CA ALA B 55 11.62 27.13 6.46
C ALA B 55 10.71 27.72 5.40
N ALA B 56 10.91 27.33 4.14
CA ALA B 56 10.08 27.83 3.07
C ALA B 56 8.63 27.39 3.30
N ALA B 57 8.47 26.19 3.86
CA ALA B 57 7.13 25.64 4.10
C ALA B 57 6.30 26.29 5.20
N TYR B 58 6.94 26.96 6.15
CA TYR B 58 6.20 27.57 7.27
C TYR B 58 5.40 28.82 6.97
N GLY B 59 5.82 29.56 5.95
CA GLY B 59 5.13 30.80 5.61
C GLY B 59 5.56 31.91 6.56
N SER B 60 6.62 31.68 7.32
CA SER B 60 7.11 32.68 8.27
C SER B 60 8.37 33.42 7.82
N GLU B 61 8.93 33.04 6.68
CA GLU B 61 10.15 33.70 6.20
C GLU B 61 9.93 35.20 5.99
N GLN B 62 8.79 35.57 5.43
CA GLN B 62 8.51 36.99 5.17
C GLN B 62 8.55 37.81 6.45
N ALA B 63 7.75 37.42 7.43
CA ALA B 63 7.70 38.13 8.70
C ALA B 63 9.05 38.11 9.43
N LEU B 64 9.70 36.95 9.46
CA LEU B 64 11.00 36.87 10.12
C LEU B 64 11.95 37.86 9.50
N GLY B 65 12.01 37.87 8.17
CA GLY B 65 12.90 38.77 7.45
C GLY B 65 12.64 40.23 7.79
N GLU B 66 11.37 40.59 7.90
CA GLU B 66 11.00 41.96 8.22
C GLU B 66 11.50 42.33 9.61
N ALA B 67 11.34 41.40 10.56
CA ALA B 67 11.78 41.65 11.93
C ALA B 67 13.30 41.82 12.02
N LEU B 68 14.03 40.95 11.32
CA LEU B 68 15.49 41.03 11.34
C LEU B 68 15.96 42.34 10.72
N LYS B 69 15.35 42.70 9.59
CA LYS B 69 15.71 43.92 8.90
C LYS B 69 15.54 45.14 9.81
N GLU B 70 14.41 45.20 10.49
CA GLU B 70 14.12 46.31 11.41
C GLU B 70 15.03 46.28 12.63
N ALA B 71 15.31 45.10 13.16
CA ALA B 71 16.16 44.98 14.33
C ALA B 71 17.57 45.48 14.02
N ILE B 72 18.05 45.16 12.82
CA ILE B 72 19.38 45.59 12.41
C ILE B 72 19.41 47.11 12.24
N GLU B 73 18.37 47.66 11.60
CA GLU B 73 18.28 49.10 11.40
C GLU B 73 18.24 49.84 12.74
N LEU B 74 17.46 49.30 13.68
CA LEU B 74 17.31 49.90 15.01
C LEU B 74 18.52 49.74 15.92
N GLY B 75 19.51 48.97 15.48
CA GLY B 75 20.71 48.78 16.25
C GLY B 75 20.60 47.77 17.39
N LEU B 76 19.61 46.89 17.31
CA LEU B 76 19.42 45.88 18.34
C LEU B 76 20.36 44.70 18.11
N VAL B 77 20.80 44.53 16.86
CA VAL B 77 21.67 43.42 16.52
C VAL B 77 22.24 43.65 15.12
N THR B 78 23.31 42.91 14.78
CA THR B 78 23.93 42.98 13.46
C THR B 78 23.66 41.64 12.77
N ARG B 79 23.78 41.60 11.46
CA ARG B 79 23.56 40.35 10.72
C ARG B 79 24.55 39.29 11.18
N ASP B 80 25.78 39.72 11.44
CA ASP B 80 26.82 38.80 11.86
C ASP B 80 26.53 38.15 13.20
N ASP B 81 25.75 38.84 14.03
CA ASP B 81 25.36 38.34 15.35
C ASP B 81 24.29 37.26 15.24
N LEU B 82 23.57 37.28 14.13
CA LEU B 82 22.46 36.34 13.94
C LEU B 82 22.83 35.01 13.29
N PHE B 83 22.06 33.98 13.64
CA PHE B 83 22.23 32.65 13.06
C PHE B 83 20.86 32.30 12.49
N VAL B 84 20.73 32.37 11.18
CA VAL B 84 19.46 32.11 10.52
C VAL B 84 19.49 30.83 9.74
N THR B 85 18.49 29.98 9.99
CA THR B 85 18.38 28.70 9.31
C THR B 85 17.07 28.60 8.54
N SER B 86 17.13 28.10 7.32
CA SER B 86 15.88 27.87 6.59
C SER B 86 16.01 26.48 5.99
N LYS B 87 14.97 26.02 5.30
CA LYS B 87 14.97 24.68 4.77
C LYS B 87 14.39 24.52 3.37
N LEU B 88 14.93 23.53 2.66
CA LEU B 88 14.54 23.18 1.29
C LEU B 88 13.33 22.26 1.36
N TRP B 89 12.18 22.71 0.86
CA TRP B 89 10.98 21.90 0.91
C TRP B 89 11.01 20.73 -0.05
N VAL B 90 10.20 19.72 0.29
CA VAL B 90 10.07 18.50 -0.47
C VAL B 90 9.77 18.70 -1.96
N THR B 91 8.94 19.68 -2.30
CA THR B 91 8.60 19.91 -3.70
C THR B 91 9.77 20.38 -4.54
N GLU B 92 10.75 21.02 -3.90
CA GLU B 92 11.92 21.52 -4.63
C GLU B 92 13.17 20.69 -4.32
N ASN B 93 12.95 19.56 -3.67
CA ASN B 93 14.04 18.65 -3.28
C ASN B 93 14.50 17.84 -4.49
N HIS B 94 14.90 18.55 -5.53
CA HIS B 94 15.38 17.95 -6.78
C HIS B 94 16.68 18.67 -7.12
N PRO B 95 17.69 17.93 -7.60
CA PRO B 95 19.01 18.46 -7.96
C PRO B 95 19.10 19.89 -8.50
N HIS B 96 18.38 20.17 -9.57
CA HIS B 96 18.44 21.49 -10.20
C HIS B 96 17.47 22.53 -9.67
N LEU B 97 16.68 22.17 -8.67
CA LEU B 97 15.72 23.11 -8.09
C LEU B 97 16.18 23.61 -6.72
N VAL B 98 17.26 23.00 -6.21
CA VAL B 98 17.82 23.37 -4.90
C VAL B 98 18.24 24.83 -4.81
N ILE B 99 19.16 25.25 -5.68
CA ILE B 99 19.64 26.62 -5.64
C ILE B 99 18.52 27.63 -5.91
N PRO B 100 17.61 27.36 -6.85
CA PRO B 100 16.53 28.33 -7.09
C PRO B 100 15.66 28.48 -5.84
N ALA B 101 15.45 27.38 -5.12
CA ALA B 101 14.64 27.38 -3.90
C ALA B 101 15.33 28.20 -2.81
N LEU B 102 16.64 28.03 -2.69
CA LEU B 102 17.41 28.76 -1.69
C LEU B 102 17.38 30.25 -2.02
N GLN B 103 17.53 30.58 -3.30
CA GLN B 103 17.51 31.98 -3.73
C GLN B 103 16.17 32.62 -3.40
N LYS B 104 15.09 31.84 -3.53
CA LYS B 104 13.76 32.35 -3.24
C LYS B 104 13.60 32.58 -1.72
N SER B 105 14.15 31.68 -0.92
CA SER B 105 14.08 31.84 0.52
C SER B 105 14.85 33.09 0.94
N LEU B 106 16.02 33.29 0.34
CA LEU B 106 16.82 34.47 0.66
C LEU B 106 16.09 35.75 0.25
N LYS B 107 15.46 35.74 -0.92
CA LYS B 107 14.71 36.91 -1.38
C LYS B 107 13.56 37.21 -0.43
N THR B 108 12.85 36.18 0.00
CA THR B 108 11.72 36.34 0.92
C THR B 108 12.18 36.85 2.29
N LEU B 109 13.32 36.35 2.75
CA LEU B 109 13.89 36.74 4.04
C LEU B 109 14.60 38.09 3.97
N GLN B 110 14.83 38.57 2.76
CA GLN B 110 15.54 39.83 2.55
C GLN B 110 16.97 39.73 3.08
N LEU B 111 17.57 38.56 2.93
CA LEU B 111 18.94 38.32 3.38
C LEU B 111 19.82 37.95 2.19
N ASP B 112 21.12 38.15 2.32
CA ASP B 112 22.05 37.81 1.26
C ASP B 112 22.56 36.38 1.42
N TYR B 113 22.51 35.88 2.64
CA TYR B 113 22.96 34.53 2.91
C TYR B 113 22.28 33.97 4.14
N LEU B 114 22.29 32.64 4.25
CA LEU B 114 21.73 31.96 5.40
C LEU B 114 22.93 31.43 6.16
N ASP B 115 22.78 31.20 7.46
CA ASP B 115 23.88 30.64 8.21
C ASP B 115 23.84 29.13 8.04
N LEU B 116 22.62 28.60 7.91
CA LEU B 116 22.41 27.17 7.77
C LEU B 116 21.22 26.86 6.86
N TYR B 117 21.41 25.92 5.93
CA TYR B 117 20.33 25.51 5.02
C TYR B 117 20.20 23.99 5.16
N LEU B 118 18.99 23.52 5.42
CA LEU B 118 18.73 22.10 5.61
C LEU B 118 17.76 21.48 4.62
N ILE B 119 17.98 20.21 4.29
CA ILE B 119 17.06 19.47 3.44
C ILE B 119 15.97 19.18 4.46
N HIS B 120 14.75 19.66 4.21
CA HIS B 120 13.67 19.49 5.17
C HIS B 120 13.30 18.04 5.48
N TRP B 121 13.14 17.24 4.43
CA TRP B 121 12.79 15.82 4.60
C TRP B 121 13.51 14.98 3.56
N PRO B 122 13.79 13.70 3.87
CA PRO B 122 14.46 12.82 2.91
C PRO B 122 13.37 12.33 1.94
N LEU B 123 12.65 13.29 1.35
CA LEU B 123 11.56 12.99 0.41
C LEU B 123 11.49 14.04 -0.67
N SER B 124 10.94 13.66 -1.82
CA SER B 124 10.77 14.59 -2.94
C SER B 124 9.34 14.42 -3.46
N SER B 125 8.74 15.50 -3.95
CA SER B 125 7.39 15.44 -4.48
C SER B 125 7.20 16.39 -5.65
N GLN B 126 6.01 16.37 -6.25
CA GLN B 126 5.71 17.22 -7.39
C GLN B 126 6.20 18.65 -7.18
N PRO B 127 7.09 19.12 -8.06
CA PRO B 127 7.63 20.48 -7.95
C PRO B 127 6.67 21.58 -8.40
N GLY B 128 6.91 22.80 -7.93
CA GLY B 128 6.09 23.92 -8.35
C GLY B 128 4.89 24.40 -7.55
N LYS B 129 4.46 23.64 -6.54
CA LYS B 129 3.31 24.05 -5.75
C LYS B 129 3.31 23.43 -4.37
N PHE B 130 3.10 24.26 -3.36
CA PHE B 130 3.07 23.79 -1.98
C PHE B 130 1.77 23.02 -1.72
N SER B 131 1.90 21.85 -1.11
CA SER B 131 0.75 21.01 -0.81
C SER B 131 0.99 20.35 0.55
N PHE B 132 0.06 20.54 1.47
CA PHE B 132 0.22 19.95 2.80
C PHE B 132 -1.10 19.49 3.40
N PRO B 133 -1.15 18.23 3.86
CA PRO B 133 -0.05 17.25 3.82
C PRO B 133 0.27 16.85 2.39
N ILE B 134 1.41 16.18 2.21
CA ILE B 134 1.83 15.73 0.89
C ILE B 134 1.12 14.43 0.50
N ASP B 135 0.44 14.45 -0.65
CA ASP B 135 -0.26 13.26 -1.12
C ASP B 135 0.79 12.24 -1.55
N VAL B 136 0.67 11.01 -1.06
CA VAL B 136 1.64 9.99 -1.42
C VAL B 136 1.75 9.87 -2.94
N ALA B 137 0.65 10.11 -3.64
CA ALA B 137 0.62 10.02 -5.10
C ALA B 137 1.55 11.05 -5.75
N ASP B 138 1.80 12.16 -5.05
CA ASP B 138 2.67 13.20 -5.59
C ASP B 138 4.14 12.99 -5.29
N LEU B 139 4.48 11.92 -4.60
CA LEU B 139 5.88 11.65 -4.28
C LEU B 139 6.68 11.27 -5.51
N LEU B 140 7.98 11.58 -5.48
CA LEU B 140 8.90 11.28 -6.58
C LEU B 140 10.22 10.81 -5.98
N PRO B 141 10.99 10.00 -6.73
CA PRO B 141 12.28 9.50 -6.24
C PRO B 141 13.22 10.62 -5.81
N PHE B 142 13.78 10.47 -4.62
CA PHE B 142 14.70 11.44 -4.05
C PHE B 142 16.14 11.08 -4.44
N ASP B 143 16.77 11.97 -5.18
CA ASP B 143 18.16 11.80 -5.64
C ASP B 143 19.05 12.48 -4.61
N VAL B 144 19.40 11.75 -3.55
CA VAL B 144 20.22 12.33 -2.49
C VAL B 144 21.56 12.86 -2.95
N LYS B 145 22.28 12.08 -3.77
CA LYS B 145 23.58 12.50 -4.25
C LYS B 145 23.49 13.80 -5.06
N GLY B 146 22.52 13.86 -5.97
CA GLY B 146 22.35 15.05 -6.79
C GLY B 146 21.96 16.27 -5.97
N VAL B 147 21.04 16.08 -5.02
CA VAL B 147 20.62 17.19 -4.19
C VAL B 147 21.77 17.65 -3.30
N TRP B 148 22.49 16.72 -2.69
CA TRP B 148 23.59 17.13 -1.82
C TRP B 148 24.68 17.86 -2.59
N GLU B 149 24.94 17.46 -3.83
CA GLU B 149 25.97 18.15 -4.60
C GLU B 149 25.54 19.60 -4.85
N SER B 150 24.23 19.82 -4.96
CA SER B 150 23.73 21.18 -5.17
C SER B 150 23.83 21.97 -3.87
N MET B 151 23.72 21.27 -2.74
CA MET B 151 23.82 21.93 -1.45
C MET B 151 25.28 22.34 -1.27
N GLU B 152 26.19 21.48 -1.70
CA GLU B 152 27.60 21.78 -1.60
C GLU B 152 27.91 22.98 -2.50
N GLU B 153 27.26 23.04 -3.66
CA GLU B 153 27.48 24.17 -4.56
C GLU B 153 26.97 25.47 -3.92
N SER B 154 25.88 25.40 -3.15
CA SER B 154 25.36 26.61 -2.52
C SER B 154 26.41 27.20 -1.57
N LEU B 155 27.24 26.33 -1.00
CA LEU B 155 28.30 26.79 -0.10
C LEU B 155 29.32 27.58 -0.89
N LYS B 156 29.69 27.03 -2.05
CA LYS B 156 30.67 27.68 -2.93
C LYS B 156 30.17 29.02 -3.44
N LEU B 157 28.85 29.14 -3.61
CA LEU B 157 28.25 30.37 -4.11
C LEU B 157 28.09 31.40 -3.00
N GLY B 158 28.32 30.97 -1.76
CA GLY B 158 28.21 31.86 -0.62
C GLY B 158 26.77 32.15 -0.21
N LEU B 159 25.82 31.36 -0.72
CA LEU B 159 24.41 31.56 -0.40
C LEU B 159 24.07 31.08 1.01
N THR B 160 24.89 30.17 1.53
CA THR B 160 24.72 29.68 2.89
C THR B 160 26.10 29.35 3.45
N LYS B 161 26.27 29.52 4.76
CA LYS B 161 27.56 29.25 5.39
C LYS B 161 27.69 27.80 5.81
N ALA B 162 26.57 27.10 5.94
CA ALA B 162 26.59 25.69 6.33
C ALA B 162 25.40 24.97 5.72
N ILE B 163 25.54 23.67 5.56
CA ILE B 163 24.47 22.85 5.01
C ILE B 163 24.28 21.63 5.89
N GLY B 164 23.05 21.15 5.97
CA GLY B 164 22.75 19.99 6.79
C GLY B 164 21.44 19.39 6.37
N VAL B 165 20.90 18.52 7.20
CA VAL B 165 19.62 17.87 6.89
C VAL B 165 18.67 17.90 8.07
N SER B 166 17.47 17.39 7.84
CA SER B 166 16.44 17.32 8.85
C SER B 166 15.66 16.05 8.61
N ASN B 167 15.28 15.39 9.70
CA ASN B 167 14.50 14.16 9.63
C ASN B 167 15.19 12.97 8.97
N PHE B 168 16.51 12.91 9.10
CA PHE B 168 17.29 11.81 8.55
C PHE B 168 17.57 10.81 9.66
N SER B 169 17.40 9.53 9.35
CA SER B 169 17.66 8.45 10.30
C SER B 169 19.13 8.09 10.20
N VAL B 170 19.59 7.19 11.06
CA VAL B 170 21.00 6.80 10.99
C VAL B 170 21.29 6.17 9.64
N LYS B 171 20.38 5.30 9.18
CA LYS B 171 20.54 4.63 7.89
C LYS B 171 20.66 5.62 6.74
N LYS B 172 19.79 6.63 6.74
CA LYS B 172 19.82 7.63 5.68
C LYS B 172 21.06 8.51 5.80
N LEU B 173 21.55 8.70 7.01
CA LEU B 173 22.76 9.49 7.22
C LEU B 173 23.95 8.71 6.69
N GLU B 174 23.97 7.41 6.94
CA GLU B 174 25.05 6.56 6.46
C GLU B 174 25.11 6.65 4.94
N ASN B 175 23.95 6.59 4.30
CA ASN B 175 23.86 6.69 2.85
C ASN B 175 24.41 8.04 2.40
N LEU B 176 23.93 9.12 3.02
CA LEU B 176 24.40 10.45 2.66
C LEU B 176 25.91 10.59 2.80
N LEU B 177 26.45 10.11 3.92
CA LEU B 177 27.89 10.19 4.15
C LEU B 177 28.71 9.47 3.07
N SER B 178 28.13 8.44 2.46
CA SER B 178 28.84 7.68 1.43
C SER B 178 28.98 8.41 0.10
N VAL B 179 28.36 9.58 -0.02
CA VAL B 179 28.45 10.36 -1.26
C VAL B 179 28.76 11.84 -1.01
N ALA B 180 28.81 12.22 0.26
CA ALA B 180 29.08 13.62 0.61
C ALA B 180 30.56 13.99 0.64
N THR B 181 30.86 15.19 0.16
CA THR B 181 32.22 15.70 0.17
C THR B 181 32.29 16.54 1.43
N VAL B 182 31.28 17.38 1.61
CA VAL B 182 31.15 18.21 2.80
C VAL B 182 30.17 17.43 3.67
N LEU B 183 30.55 17.09 4.89
CA LEU B 183 29.67 16.33 5.76
C LEU B 183 28.55 17.24 6.26
N PRO B 184 27.36 16.67 6.51
CA PRO B 184 26.27 17.53 7.00
C PRO B 184 26.68 18.12 8.35
N ALA B 185 26.47 19.42 8.53
CA ALA B 185 26.83 20.07 9.77
C ALA B 185 25.81 19.83 10.88
N VAL B 186 24.56 19.65 10.47
CA VAL B 186 23.47 19.46 11.42
C VAL B 186 22.41 18.49 10.90
N ASN B 187 21.68 17.90 11.84
CA ASN B 187 20.55 17.03 11.53
C ASN B 187 19.48 17.47 12.51
N GLN B 188 18.43 18.11 12.02
CA GLN B 188 17.35 18.58 12.88
C GLN B 188 16.25 17.55 12.90
N VAL B 189 15.97 17.00 14.08
CA VAL B 189 14.94 15.99 14.24
C VAL B 189 14.12 16.24 15.48
N GLU B 190 13.01 15.52 15.63
CA GLU B 190 12.20 15.69 16.82
C GLU B 190 12.96 15.12 18.01
N MET B 191 13.00 15.89 19.09
CA MET B 191 13.65 15.43 20.30
C MET B 191 13.07 16.17 21.48
N ASN B 192 12.45 15.41 22.38
CA ASN B 192 11.82 15.92 23.58
C ASN B 192 11.93 14.82 24.62
N LEU B 193 11.46 15.07 25.83
CA LEU B 193 11.56 14.05 26.88
C LEU B 193 10.88 12.72 26.57
N ALA B 194 9.89 12.73 25.67
CA ALA B 194 9.19 11.50 25.31
C ALA B 194 9.70 10.92 23.99
N TRP B 195 10.81 11.46 23.47
CA TRP B 195 11.42 10.98 22.24
C TRP B 195 12.86 11.47 22.29
N GLN B 196 13.66 10.76 23.07
CA GLN B 196 15.06 11.11 23.32
C GLN B 196 16.11 10.84 22.25
N GLN B 197 15.78 10.04 21.25
CA GLN B 197 16.71 9.77 20.16
C GLN B 197 18.13 9.38 20.58
N LYS B 198 18.28 8.48 21.54
CA LYS B 198 19.63 8.11 21.98
C LYS B 198 20.51 7.51 20.89
N LYS B 199 19.97 6.59 20.11
CA LYS B 199 20.75 5.96 19.03
C LYS B 199 21.24 6.99 18.01
N LEU B 200 20.31 7.79 17.49
CA LEU B 200 20.66 8.81 16.50
C LEU B 200 21.65 9.82 17.07
N ARG B 201 21.44 10.19 18.33
CA ARG B 201 22.31 11.15 18.99
C ARG B 201 23.75 10.64 19.00
N GLU B 202 23.93 9.38 19.39
CA GLU B 202 25.26 8.78 19.45
C GLU B 202 25.94 8.79 18.08
N PHE B 203 25.19 8.39 17.05
CA PHE B 203 25.72 8.34 15.69
C PHE B 203 26.18 9.73 15.24
N CYS B 204 25.31 10.72 15.42
CA CYS B 204 25.66 12.07 15.02
C CYS B 204 26.90 12.54 15.77
N ASN B 205 26.96 12.26 17.07
CA ASN B 205 28.10 12.67 17.87
C ASN B 205 29.39 12.07 17.31
N ALA B 206 29.34 10.79 16.98
CA ALA B 206 30.49 10.07 16.44
C ALA B 206 30.91 10.60 15.07
N HIS B 207 29.99 11.28 14.38
CA HIS B 207 30.31 11.81 13.06
C HIS B 207 30.39 13.32 12.97
N GLY B 208 30.48 13.97 14.14
CA GLY B 208 30.60 15.41 14.18
C GLY B 208 29.36 16.18 13.77
N ILE B 209 28.24 15.48 13.65
CA ILE B 209 26.98 16.12 13.25
C ILE B 209 26.24 16.67 14.47
N VAL B 210 25.98 17.97 14.48
CA VAL B 210 25.27 18.58 15.60
C VAL B 210 23.78 18.31 15.41
N LEU B 211 23.12 17.96 16.52
CA LEU B 211 21.70 17.68 16.46
C LEU B 211 20.90 18.88 16.97
N THR B 212 19.85 19.22 16.25
CA THR B 212 18.98 20.31 16.66
C THR B 212 17.62 19.68 16.89
N ALA B 213 17.08 19.90 18.08
CA ALA B 213 15.79 19.34 18.45
C ALA B 213 14.61 20.21 18.06
N PHE B 214 13.68 19.66 17.27
CA PHE B 214 12.49 20.42 16.97
C PHE B 214 11.37 19.83 17.83
N SER B 215 10.30 20.59 18.01
CA SER B 215 9.20 20.16 18.86
C SER B 215 9.75 19.68 20.22
N PRO B 216 10.70 20.43 20.81
CA PRO B 216 11.29 20.06 22.10
C PRO B 216 10.30 20.10 23.26
N VAL B 217 9.17 20.75 23.05
CA VAL B 217 8.12 20.88 24.07
C VAL B 217 6.86 20.14 23.61
N ARG B 218 7.03 19.29 22.59
CA ARG B 218 5.94 18.53 22.00
C ARG B 218 4.77 19.44 21.62
N LYS B 219 5.11 20.60 21.07
CA LYS B 219 4.15 21.61 20.61
C LYS B 219 3.22 22.16 21.69
N GLY B 220 3.69 22.20 22.92
CA GLY B 220 2.89 22.72 24.01
C GLY B 220 1.49 22.17 24.06
N ALA B 221 0.50 23.07 24.07
CA ALA B 221 -0.90 22.65 24.11
C ALA B 221 -1.63 22.89 22.79
N SER B 222 -0.87 23.14 21.73
CA SER B 222 -1.45 23.39 20.41
C SER B 222 -1.99 22.12 19.75
N ARG B 223 -1.71 20.96 20.36
CA ARG B 223 -2.19 19.71 19.82
C ARG B 223 -2.84 18.83 20.88
N GLY B 224 -3.75 19.41 21.66
CA GLY B 224 -4.44 18.67 22.70
C GLY B 224 -3.54 18.22 23.83
N PRO B 225 -3.88 17.09 24.48
CA PRO B 225 -3.09 16.56 25.59
C PRO B 225 -1.61 16.42 25.26
N ASN B 226 -0.77 16.93 26.15
CA ASN B 226 0.67 16.86 25.98
C ASN B 226 1.18 15.85 27.01
N GLU B 227 1.66 14.70 26.54
CA GLU B 227 2.12 13.66 27.46
C GLU B 227 3.36 14.01 28.27
N VAL B 228 4.07 15.07 27.89
CA VAL B 228 5.26 15.48 28.63
C VAL B 228 4.84 16.45 29.75
N MET B 229 4.03 17.44 29.39
CA MET B 229 3.56 18.44 30.35
C MET B 229 2.65 17.85 31.42
N GLU B 230 1.93 16.80 31.05
CA GLU B 230 1.00 16.15 31.97
C GLU B 230 1.62 15.01 32.78
N ASN B 231 2.90 14.76 32.57
CA ASN B 231 3.60 13.71 33.29
C ASN B 231 3.82 14.15 34.74
N ASP B 232 3.18 13.46 35.69
CA ASP B 232 3.31 13.80 37.11
C ASP B 232 4.72 13.70 37.63
N MET B 233 5.49 12.74 37.10
CA MET B 233 6.87 12.56 37.52
C MET B 233 7.67 13.79 37.14
N LEU B 234 7.45 14.28 35.92
CA LEU B 234 8.16 15.48 35.46
C LEU B 234 7.69 16.68 36.25
N LYS B 235 6.40 16.71 36.60
CA LYS B 235 5.87 17.82 37.38
C LYS B 235 6.55 17.88 38.73
N GLU B 236 6.86 16.71 39.30
CA GLU B 236 7.53 16.66 40.59
C GLU B 236 8.94 17.23 40.47
N ILE B 237 9.62 16.85 39.38
CA ILE B 237 10.97 17.34 39.12
C ILE B 237 10.94 18.86 38.90
N ALA B 238 9.96 19.33 38.14
CA ALA B 238 9.84 20.76 37.87
C ALA B 238 9.61 21.53 39.18
N ASP B 239 8.66 21.05 39.98
CA ASP B 239 8.34 21.69 41.25
C ASP B 239 9.54 21.72 42.20
N ALA B 240 10.36 20.68 42.19
CA ALA B 240 11.51 20.61 43.07
C ALA B 240 12.53 21.70 42.75
N HIS B 241 12.68 22.01 41.47
CA HIS B 241 13.61 23.04 41.03
C HIS B 241 12.94 24.40 40.98
N GLY B 242 11.62 24.42 41.09
CA GLY B 242 10.90 25.68 41.04
C GLY B 242 10.80 26.18 39.61
N LYS B 243 10.84 25.25 38.65
CA LYS B 243 10.77 25.58 37.23
C LYS B 243 9.56 24.93 36.57
N SER B 244 9.37 25.19 35.29
CA SER B 244 8.25 24.62 34.56
C SER B 244 8.74 23.35 33.88
N VAL B 245 7.82 22.47 33.53
CA VAL B 245 8.18 21.23 32.84
C VAL B 245 8.87 21.57 31.52
N ALA B 246 8.51 22.72 30.96
CA ALA B 246 9.11 23.16 29.70
C ALA B 246 10.60 23.46 29.95
N GLN B 247 10.88 24.13 31.06
CA GLN B 247 12.26 24.46 31.40
C GLN B 247 13.05 23.19 31.72
N ILE B 248 12.42 22.24 32.40
CA ILE B 248 13.10 20.98 32.71
C ILE B 248 13.50 20.33 31.39
N SER B 249 12.57 20.34 30.43
CA SER B 249 12.80 19.76 29.10
C SER B 249 14.00 20.39 28.40
N LEU B 250 13.98 21.72 28.28
CA LEU B 250 15.06 22.42 27.62
C LEU B 250 16.39 22.26 28.34
N ARG B 251 16.37 22.26 29.68
CA ARG B 251 17.61 22.10 30.42
C ARG B 251 18.17 20.70 30.15
N TRP B 252 17.28 19.71 30.06
CA TRP B 252 17.72 18.35 29.82
C TRP B 252 18.38 18.24 28.45
N LEU B 253 17.75 18.83 27.44
CA LEU B 253 18.30 18.81 26.09
C LEU B 253 19.69 19.46 26.08
N TYR B 254 19.82 20.60 26.77
CA TYR B 254 21.09 21.29 26.84
C TYR B 254 22.16 20.38 27.45
N GLU B 255 21.81 19.68 28.54
CA GLU B 255 22.77 18.80 29.20
C GLU B 255 23.11 17.56 28.36
N GLN B 256 22.28 17.27 27.36
CA GLN B 256 22.52 16.12 26.50
C GLN B 256 23.44 16.52 25.33
N GLY B 257 23.84 17.78 25.31
CA GLY B 257 24.74 18.26 24.27
C GLY B 257 24.12 18.57 22.92
N VAL B 258 22.80 18.75 22.87
CA VAL B 258 22.17 19.07 21.58
C VAL B 258 21.69 20.52 21.60
N THR B 259 21.24 20.99 20.45
CA THR B 259 20.72 22.35 20.33
C THR B 259 19.20 22.19 20.20
N PHE B 260 18.45 23.28 20.40
CA PHE B 260 16.99 23.21 20.34
C PHE B 260 16.36 24.54 19.92
N VAL B 261 15.23 24.45 19.22
CA VAL B 261 14.54 25.64 18.72
C VAL B 261 13.08 25.76 19.13
N PRO B 262 12.82 25.83 20.45
CA PRO B 262 11.43 25.95 20.91
C PRO B 262 10.79 27.20 20.34
N LYS B 263 9.50 27.14 20.04
CA LYS B 263 8.80 28.29 19.51
C LYS B 263 7.85 28.86 20.56
N SER B 264 7.92 30.16 20.77
CA SER B 264 7.05 30.85 21.71
C SER B 264 6.99 32.30 21.35
N TYR B 265 5.79 32.80 21.10
CA TYR B 265 5.63 34.20 20.75
C TYR B 265 5.06 34.96 21.93
N ASP B 266 5.13 34.33 23.10
CA ASP B 266 4.66 34.95 24.34
C ASP B 266 5.87 35.58 25.02
N LYS B 267 5.78 36.87 25.32
CA LYS B 267 6.87 37.58 25.95
C LYS B 267 7.44 36.87 27.17
N GLU B 268 6.57 36.35 28.01
CA GLU B 268 7.02 35.66 29.21
C GLU B 268 7.58 34.28 28.96
N ARG B 269 6.86 33.46 28.20
CA ARG B 269 7.33 32.11 27.92
C ARG B 269 8.62 32.05 27.11
N MET B 270 8.80 32.96 26.16
CA MET B 270 10.04 32.93 25.38
C MET B 270 11.22 33.28 26.28
N ASN B 271 10.97 34.06 27.33
CA ASN B 271 12.04 34.42 28.24
C ASN B 271 12.36 33.23 29.15
N GLN B 272 11.34 32.52 29.56
CA GLN B 272 11.53 31.35 30.42
C GLN B 272 12.35 30.30 29.69
N ASN B 273 12.16 30.20 28.37
CA ASN B 273 12.90 29.24 27.56
C ASN B 273 14.39 29.56 27.54
N LEU B 274 14.76 30.78 27.91
CA LEU B 274 16.17 31.19 27.94
C LEU B 274 16.75 31.09 29.35
N ARG B 275 15.88 31.08 30.36
CA ARG B 275 16.30 31.00 31.75
C ARG B 275 16.56 29.57 32.19
N ILE B 276 17.51 28.92 31.52
CA ILE B 276 17.85 27.52 31.81
C ILE B 276 19.35 27.30 32.01
N PHE B 277 20.09 28.38 32.24
CA PHE B 277 21.54 28.24 32.40
C PHE B 277 22.15 28.50 33.76
N ASP B 278 21.36 28.95 34.74
CA ASP B 278 21.91 29.20 36.06
C ASP B 278 21.45 28.18 37.12
N TRP B 279 21.08 26.99 36.64
CA TRP B 279 20.65 25.89 37.50
C TRP B 279 20.84 24.61 36.70
N SER B 280 20.89 23.48 37.38
CA SER B 280 21.09 22.22 36.68
C SER B 280 20.28 21.07 37.29
N LEU B 281 20.15 20.00 36.52
CA LEU B 281 19.40 18.82 36.96
C LEU B 281 20.29 17.93 37.83
N THR B 282 19.66 17.04 38.59
CA THR B 282 20.40 16.14 39.47
C THR B 282 20.58 14.79 38.77
N LYS B 283 21.50 13.97 39.24
CA LYS B 283 21.71 12.67 38.64
C LYS B 283 20.40 11.88 38.76
N GLU B 284 19.68 12.12 39.84
CA GLU B 284 18.41 11.45 40.09
C GLU B 284 17.41 11.82 39.00
N ASP B 285 17.37 13.10 38.63
CA ASP B 285 16.45 13.55 37.60
C ASP B 285 16.70 12.78 36.30
N HIS B 286 17.97 12.64 35.93
CA HIS B 286 18.32 11.93 34.70
C HIS B 286 17.88 10.47 34.71
N GLU B 287 17.95 9.83 35.88
CA GLU B 287 17.54 8.43 35.98
C GLU B 287 16.05 8.30 35.77
N LYS B 288 15.30 9.27 36.29
CA LYS B 288 13.84 9.27 36.15
C LYS B 288 13.48 9.58 34.71
N ILE B 289 14.07 10.63 34.16
CA ILE B 289 13.80 11.04 32.79
C ILE B 289 14.14 9.91 31.81
N ALA B 290 15.18 9.16 32.14
CA ALA B 290 15.63 8.05 31.31
C ALA B 290 14.56 6.96 31.19
N GLN B 291 13.62 6.93 32.12
CA GLN B 291 12.58 5.90 32.11
C GLN B 291 11.26 6.31 31.47
N ILE B 292 11.17 7.54 31.00
CA ILE B 292 9.95 8.03 30.36
C ILE B 292 9.57 7.21 29.13
N LYS B 293 8.30 6.86 29.03
CA LYS B 293 7.79 6.09 27.89
C LYS B 293 8.02 6.90 26.60
N GLN B 294 8.54 6.25 25.57
CA GLN B 294 8.83 6.91 24.31
C GLN B 294 7.74 6.84 23.25
N ASN B 295 7.38 7.99 22.70
CA ASN B 295 6.33 8.08 21.68
C ASN B 295 6.65 9.23 20.73
N ARG B 296 6.86 8.90 19.45
CA ARG B 296 7.17 9.93 18.46
C ARG B 296 5.93 10.79 18.19
N LEU B 297 6.09 12.10 18.30
CA LEU B 297 4.97 13.04 18.10
C LEU B 297 4.71 13.35 16.63
N ILE B 298 5.78 13.59 15.89
CA ILE B 298 5.66 13.98 14.48
C ILE B 298 5.92 12.87 13.46
N PRO B 299 4.88 12.43 12.77
CA PRO B 299 5.06 11.39 11.76
C PRO B 299 5.52 12.13 10.51
N GLY B 300 5.61 11.45 9.38
CA GLY B 300 6.04 12.14 8.18
C GLY B 300 5.07 13.22 7.73
N PRO B 301 5.41 13.98 6.69
CA PRO B 301 4.55 15.05 6.18
C PRO B 301 3.56 14.56 5.12
N THR B 302 3.48 13.25 4.91
CA THR B 302 2.58 12.72 3.89
C THR B 302 1.29 12.12 4.41
N LYS B 303 0.35 11.92 3.50
CA LYS B 303 -0.93 11.31 3.81
C LYS B 303 -1.29 10.38 2.67
N PRO B 304 -1.40 9.07 2.93
CA PRO B 304 -1.21 8.40 4.23
C PRO B 304 0.24 8.52 4.71
N GLY B 305 0.51 8.05 5.92
CA GLY B 305 1.85 8.12 6.45
C GLY B 305 2.79 7.12 5.80
N LEU B 306 4.09 7.30 6.02
CA LEU B 306 5.11 6.41 5.48
C LEU B 306 5.75 5.66 6.65
N ASN B 307 5.35 4.40 6.81
CA ASN B 307 5.84 3.55 7.88
C ASN B 307 7.35 3.50 8.10
N ASP B 308 8.13 3.43 7.01
CA ASP B 308 9.58 3.34 7.13
C ASP B 308 10.34 4.65 6.91
N LEU B 309 9.64 5.78 7.01
CA LEU B 309 10.29 7.08 6.80
C LEU B 309 11.52 7.29 7.69
N TYR B 310 11.41 6.90 8.95
CA TYR B 310 12.50 7.07 9.90
C TYR B 310 13.32 5.78 10.10
N ASP B 311 13.05 4.78 9.27
CA ASP B 311 13.76 3.51 9.37
C ASP B 311 13.77 2.95 10.79
N ASP B 312 12.57 2.79 11.35
CA ASP B 312 12.43 2.27 12.70
C ASP B 312 11.03 1.70 12.87
#